data_5IDV
#
_entry.id   5IDV
#
_cell.length_a   65.220
_cell.length_b   89.030
_cell.length_c   104.140
_cell.angle_alpha   90.000
_cell.angle_beta   90.000
_cell.angle_gamma   90.000
#
_symmetry.space_group_name_H-M   'C 2 2 21'
#
loop_
_entity.id
_entity.type
_entity.pdbx_description
1 polymer 'Lipid A export ATP-binding/permease protein MsbA'
2 non-polymer 1,2-ETHANEDIOL
3 water water
#
_entity_poly.entity_id   1
_entity_poly.type   'polypeptide(L)'
_entity_poly.pdbx_seq_one_letter_code
;MAHHHHHHGLAAAHSVFELLDLPEEQNSGELKPQLQGAIRFDHVVLNYADGTQAIKDFSLDIRPGETVALVGRSGAGKTS
LVNMLVRFQEVSSGQIYLDDLPIRDIELSSLRTQIAMVNQQVVLFNRTVRENIAYGQLHNASDEDVIAAAKAAYAHDFIM
NLPNGYDTVLGAQGLNLSGGQRQRIAIARAILKNAPILILDEATSALDNESEHFIQQAFDEAMQDRTTIVIAHRLSTIEN
ADRIVVMDRGQIVEQGTHQELLAKHGAYYQLHQRNFEDH
;
_entity_poly.pdbx_strand_id   A
#
# COMPACT_ATOMS: atom_id res chain seq x y z
N PHE A 17 13.72 5.27 10.15
CA PHE A 17 13.68 6.73 9.97
C PHE A 17 14.87 7.21 9.11
N GLU A 18 15.53 6.27 8.43
CA GLU A 18 16.66 6.65 7.58
C GLU A 18 16.19 7.56 6.46
N LEU A 19 17.03 8.54 6.09
CA LEU A 19 16.77 9.29 4.88
C LEU A 19 17.01 8.38 3.68
N LEU A 20 16.30 8.66 2.59
CA LEU A 20 16.46 7.84 1.40
C LEU A 20 17.06 8.71 0.32
N ASP A 21 17.34 8.09 -0.83
CA ASP A 21 17.72 8.93 -1.95
C ASP A 21 16.52 9.78 -2.39
N LEU A 22 16.83 10.91 -3.04
CA LEU A 22 15.77 11.81 -3.51
C LEU A 22 15.62 11.66 -5.02
N PRO A 23 14.56 11.04 -5.52
CA PRO A 23 14.34 11.01 -6.96
C PRO A 23 14.19 12.42 -7.54
N GLU A 24 14.52 12.56 -8.82
CA GLU A 24 14.55 13.88 -9.44
C GLU A 24 13.18 14.32 -9.96
N GLU A 25 12.23 13.38 -10.08
CA GLU A 25 10.92 13.65 -10.67
C GLU A 25 11.05 14.21 -12.07
N GLN A 26 12.05 13.71 -12.80
CA GLN A 26 12.14 13.91 -14.23
C GLN A 26 10.99 13.13 -14.85
N ASN A 27 9.90 13.84 -15.14
CA ASN A 27 8.68 13.23 -15.63
C ASN A 27 8.79 13.01 -17.14
N SER A 28 9.81 12.22 -17.51
CA SER A 28 10.18 12.05 -18.91
C SER A 28 9.24 11.12 -19.66
N GLY A 29 8.54 10.23 -18.97
CA GLY A 29 7.51 9.45 -19.63
C GLY A 29 6.28 10.29 -19.91
N GLU A 30 5.68 10.06 -21.05
CA GLU A 30 4.47 10.80 -21.38
C GLU A 30 3.26 9.89 -21.55
N LEU A 31 3.41 8.59 -21.30
CA LEU A 31 2.29 7.68 -21.48
C LEU A 31 1.26 7.88 -20.38
N LYS A 32 0.00 7.81 -20.74
CA LYS A 32 -1.09 7.92 -19.76
C LYS A 32 -2.04 6.73 -19.92
N PRO A 33 -1.56 5.53 -19.63
CA PRO A 33 -2.39 4.34 -19.80
C PRO A 33 -3.41 4.24 -18.70
N GLN A 34 -4.48 3.50 -18.96
CA GLN A 34 -5.35 3.03 -17.89
CA GLN A 34 -5.36 3.03 -17.89
C GLN A 34 -4.75 1.72 -17.39
N LEU A 35 -4.21 1.73 -16.16
CA LEU A 35 -3.56 0.54 -15.64
C LEU A 35 -4.59 -0.54 -15.40
N GLN A 36 -4.25 -1.76 -15.79
CA GLN A 36 -5.13 -2.91 -15.65
C GLN A 36 -4.76 -3.77 -14.47
N GLY A 37 -3.60 -3.53 -13.84
CA GLY A 37 -3.22 -4.23 -12.62
C GLY A 37 -2.16 -5.32 -12.80
N ALA A 38 -1.56 -5.46 -13.97
CA ALA A 38 -0.44 -6.37 -14.08
C ALA A 38 0.84 -5.66 -13.68
N ILE A 39 1.69 -6.33 -12.91
CA ILE A 39 2.95 -5.74 -12.46
C ILE A 39 4.03 -6.78 -12.66
N ARG A 40 5.19 -6.40 -13.19
CA ARG A 40 6.32 -7.31 -13.31
CA ARG A 40 6.31 -7.31 -13.27
C ARG A 40 7.58 -6.61 -12.81
N PHE A 41 8.22 -7.18 -11.78
CA PHE A 41 9.57 -6.80 -11.38
C PHE A 41 10.54 -7.71 -12.15
N ASP A 42 11.50 -7.13 -12.83
CA ASP A 42 12.39 -7.87 -13.73
C ASP A 42 13.84 -7.63 -13.28
N HIS A 43 14.40 -8.56 -12.51
CA HIS A 43 15.80 -8.47 -12.03
C HIS A 43 16.10 -7.12 -11.39
N VAL A 44 15.21 -6.67 -10.51
CA VAL A 44 15.43 -5.39 -9.85
C VAL A 44 16.51 -5.51 -8.79
N VAL A 45 17.39 -4.53 -8.77
CA VAL A 45 18.52 -4.47 -7.84
C VAL A 45 18.50 -3.09 -7.22
N LEU A 46 18.82 -3.01 -5.90
CA LEU A 46 18.94 -1.72 -5.22
C LEU A 46 20.21 -1.74 -4.38
N ASN A 47 21.21 -0.94 -4.81
CA ASN A 47 22.49 -0.81 -4.13
C ASN A 47 22.66 0.61 -3.65
N TYR A 48 23.15 0.76 -2.43
CA TYR A 48 23.30 2.08 -1.81
C TYR A 48 24.73 2.57 -1.86
N ALA A 49 24.87 3.89 -1.63
CA ALA A 49 26.16 4.57 -1.58
C ALA A 49 27.15 3.89 -0.63
N ASP A 50 26.66 3.39 0.53
CA ASP A 50 27.56 2.79 1.50
C ASP A 50 27.88 1.33 1.21
N GLY A 51 27.47 0.81 0.05
CA GLY A 51 27.72 -0.58 -0.28
C GLY A 51 26.59 -1.53 0.09
N THR A 52 25.59 -1.08 0.84
CA THR A 52 24.49 -1.96 1.21
C THR A 52 23.78 -2.48 -0.02
N GLN A 53 23.53 -3.78 -0.05
CA GLN A 53 22.73 -4.39 -1.11
CA GLN A 53 22.75 -4.40 -1.10
C GLN A 53 21.32 -4.54 -0.56
N ALA A 54 20.48 -3.49 -0.78
CA ALA A 54 19.13 -3.46 -0.20
C ALA A 54 18.19 -4.46 -0.85
N ILE A 55 18.24 -4.61 -2.17
CA ILE A 55 17.49 -5.62 -2.91
C ILE A 55 18.46 -6.29 -3.87
N LYS A 56 18.64 -7.60 -3.61
N LYS A 56 18.56 -7.63 -3.93
CA LYS A 56 19.12 -8.64 -4.48
CA LYS A 56 19.69 -8.24 -4.69
C LYS A 56 18.04 -9.16 -5.41
C LYS A 56 19.52 -8.41 -6.22
N ASP A 57 18.43 -9.04 -6.63
CA ASP A 57 18.05 -9.50 -7.97
C ASP A 57 16.66 -10.08 -7.85
N PHE A 58 15.66 -9.20 -7.92
CA PHE A 58 14.30 -9.50 -7.54
C PHE A 58 13.41 -9.58 -8.77
N SER A 59 12.76 -10.73 -8.96
CA SER A 59 11.83 -10.89 -10.09
C SER A 59 10.52 -11.43 -9.56
N LEU A 60 9.41 -10.88 -10.06
CA LEU A 60 8.09 -11.30 -9.62
C LEU A 60 7.08 -10.85 -10.66
N ASP A 61 6.14 -11.74 -11.02
CA ASP A 61 5.09 -11.39 -11.97
C ASP A 61 3.74 -11.47 -11.25
N ILE A 62 2.96 -10.40 -11.32
CA ILE A 62 1.67 -10.30 -10.64
C ILE A 62 0.62 -10.05 -11.72
N ARG A 63 -0.42 -10.89 -11.75
CA ARG A 63 -1.47 -10.72 -12.73
C ARG A 63 -2.59 -9.89 -12.14
N PRO A 64 -3.42 -9.25 -12.98
CA PRO A 64 -4.50 -8.40 -12.47
C PRO A 64 -5.40 -9.10 -11.48
N GLY A 65 -5.64 -8.42 -10.36
CA GLY A 65 -6.48 -8.94 -9.30
C GLY A 65 -5.79 -9.77 -8.25
N GLU A 66 -4.51 -10.10 -8.42
CA GLU A 66 -3.84 -10.94 -7.45
C GLU A 66 -3.39 -10.15 -6.24
N THR A 67 -3.40 -10.81 -5.08
CA THR A 67 -2.74 -10.30 -3.88
C THR A 67 -1.42 -11.03 -3.66
N VAL A 68 -0.34 -10.25 -3.52
CA VAL A 68 0.97 -10.76 -3.12
C VAL A 68 1.21 -10.29 -1.72
N ALA A 69 1.39 -11.22 -0.78
CA ALA A 69 1.71 -10.89 0.59
C ALA A 69 3.22 -10.97 0.80
N LEU A 70 3.82 -9.85 1.25
CA LEU A 70 5.22 -9.84 1.62
C LEU A 70 5.35 -10.16 3.10
N VAL A 71 6.26 -11.08 3.42
CA VAL A 71 6.59 -11.42 4.79
CA VAL A 71 6.60 -11.51 4.78
C VAL A 71 8.11 -11.32 4.96
N GLY A 72 8.54 -10.88 6.15
CA GLY A 72 9.97 -10.75 6.42
C GLY A 72 10.28 -9.68 7.45
N ARG A 73 11.53 -9.68 7.94
CA ARG A 73 11.93 -8.68 8.94
C ARG A 73 11.82 -7.25 8.38
N SER A 74 11.88 -6.29 9.31
CA SER A 74 11.83 -4.88 8.92
C SER A 74 12.95 -4.50 7.97
N GLY A 75 14.13 -5.03 8.16
CA GLY A 75 15.10 -4.60 7.17
C GLY A 75 15.19 -5.44 5.90
N ALA A 76 14.20 -6.31 5.63
CA ALA A 76 14.34 -7.31 4.56
C ALA A 76 14.18 -6.77 3.15
N GLY A 77 13.64 -5.56 2.97
CA GLY A 77 13.48 -4.98 1.65
C GLY A 77 12.02 -4.71 1.26
N LYS A 78 11.05 -5.00 2.13
CA LYS A 78 9.66 -4.92 1.72
C LYS A 78 9.29 -3.49 1.37
N THR A 79 9.71 -2.54 2.21
CA THR A 79 9.41 -1.14 1.94
C THR A 79 10.09 -0.64 0.70
N SER A 80 11.35 -0.99 0.48
CA SER A 80 12.05 -0.50 -0.70
CA SER A 80 12.03 -0.46 -0.70
C SER A 80 11.38 -0.98 -1.97
N LEU A 81 10.93 -2.24 -1.95
CA LEU A 81 10.32 -2.81 -3.13
CA LEU A 81 10.30 -2.82 -3.14
C LEU A 81 9.09 -2.02 -3.55
N VAL A 82 8.18 -1.74 -2.60
CA VAL A 82 6.95 -1.08 -3.01
C VAL A 82 7.22 0.38 -3.32
N ASN A 83 8.21 0.99 -2.65
CA ASN A 83 8.56 2.36 -2.99
C ASN A 83 9.04 2.48 -4.44
N MET A 84 9.74 1.44 -4.95
CA MET A 84 10.25 1.45 -6.33
CA MET A 84 10.21 1.53 -6.34
C MET A 84 9.06 1.46 -7.30
N LEU A 85 8.00 0.78 -6.90
CA LEU A 85 6.82 0.67 -7.73
C LEU A 85 6.10 2.03 -7.89
N VAL A 86 6.24 2.94 -6.94
CA VAL A 86 5.67 4.28 -7.12
C VAL A 86 6.74 5.33 -7.46
N ARG A 87 7.96 4.88 -7.80
CA ARG A 87 9.04 5.79 -8.14
C ARG A 87 9.36 6.76 -7.01
N PHE A 88 9.15 6.29 -5.78
CA PHE A 88 9.67 7.01 -4.61
C PHE A 88 11.09 6.57 -4.33
N GLN A 89 11.51 5.38 -4.78
N GLN A 89 11.52 5.57 -5.10
CA GLN A 89 12.94 5.06 -4.80
CA GLN A 89 12.75 4.82 -4.93
C GLN A 89 13.27 4.58 -6.21
C GLN A 89 13.25 4.46 -6.32
N GLU A 90 14.43 4.95 -6.70
CA GLU A 90 14.95 4.50 -7.99
C GLU A 90 15.56 3.11 -7.85
N VAL A 91 15.73 2.43 -9.01
CA VAL A 91 16.31 1.10 -9.08
C VAL A 91 17.75 1.22 -9.56
N SER A 92 18.65 0.39 -8.98
CA SER A 92 20.01 0.36 -9.48
C SER A 92 20.16 -0.38 -10.80
N SER A 93 19.33 -1.39 -11.03
CA SER A 93 19.37 -2.20 -12.24
C SER A 93 18.02 -2.89 -12.34
N GLY A 94 17.74 -3.43 -13.51
CA GLY A 94 16.49 -4.08 -13.73
C GLY A 94 15.41 -3.11 -14.20
N GLN A 95 14.20 -3.66 -14.25
CA GLN A 95 13.07 -2.92 -14.81
C GLN A 95 11.82 -3.30 -14.05
N ILE A 96 10.87 -2.39 -14.01
CA ILE A 96 9.52 -2.64 -13.52
C ILE A 96 8.55 -2.29 -14.64
N TYR A 97 7.61 -3.19 -14.92
CA TYR A 97 6.62 -3.05 -15.99
C TYR A 97 5.21 -3.03 -15.40
N LEU A 98 4.38 -2.09 -15.84
CA LEU A 98 2.95 -2.10 -15.52
C LEU A 98 2.19 -2.38 -16.81
N ASP A 99 1.47 -3.51 -16.84
CA ASP A 99 0.88 -4.01 -18.10
C ASP A 99 1.87 -4.01 -19.26
N ASP A 100 3.09 -4.46 -18.98
CA ASP A 100 4.12 -4.59 -20.02
C ASP A 100 4.69 -3.23 -20.48
N LEU A 101 4.32 -2.12 -19.79
CA LEU A 101 4.92 -0.82 -20.10
C LEU A 101 6.00 -0.51 -19.08
N PRO A 102 7.22 -0.17 -19.47
CA PRO A 102 8.23 0.26 -18.49
C PRO A 102 7.73 1.41 -17.65
N ILE A 103 7.97 1.31 -16.35
CA ILE A 103 7.34 2.28 -15.45
C ILE A 103 7.83 3.70 -15.72
N ARG A 104 9.09 3.86 -16.14
CA ARG A 104 9.61 5.21 -16.37
C ARG A 104 9.04 5.85 -17.63
N ASP A 105 8.33 5.10 -18.46
CA ASP A 105 7.70 5.69 -19.65
C ASP A 105 6.33 6.26 -19.34
N ILE A 106 5.84 6.02 -18.16
CA ILE A 106 4.53 6.50 -17.74
C ILE A 106 4.71 7.86 -17.08
N GLU A 107 3.84 8.81 -17.44
CA GLU A 107 3.78 10.10 -16.78
C GLU A 107 3.51 9.92 -15.29
N LEU A 108 4.33 10.57 -14.46
CA LEU A 108 4.33 10.30 -13.04
C LEU A 108 2.97 10.54 -12.41
N SER A 109 2.30 11.60 -12.82
CA SER A 109 0.99 11.90 -12.28
C SER A 109 0.02 10.78 -12.60
N SER A 110 0.06 10.29 -13.83
CA SER A 110 -0.79 9.17 -14.24
C SER A 110 -0.48 7.93 -13.41
N LEU A 111 0.79 7.69 -13.14
CA LEU A 111 1.12 6.52 -12.33
C LEU A 111 0.57 6.67 -10.91
N ARG A 112 0.85 7.81 -10.29
CA ARG A 112 0.49 7.95 -8.89
CA ARG A 112 0.50 7.97 -8.88
C ARG A 112 -1.02 8.02 -8.67
N THR A 113 -1.78 8.60 -9.62
CA THR A 113 -3.24 8.60 -9.48
C THR A 113 -3.84 7.21 -9.52
N GLN A 114 -3.10 6.22 -10.05
CA GLN A 114 -3.65 4.89 -10.21
C GLN A 114 -3.04 3.86 -9.28
N ILE A 115 -2.26 4.28 -8.27
CA ILE A 115 -1.73 3.35 -7.26
C ILE A 115 -2.06 3.97 -5.91
N ALA A 116 -2.83 3.25 -5.12
CA ALA A 116 -3.17 3.68 -3.78
C ALA A 116 -2.09 3.22 -2.81
N MET A 117 -1.63 4.12 -1.96
CA MET A 117 -0.66 3.77 -0.94
C MET A 117 -1.34 3.96 0.43
N VAL A 118 -1.54 2.86 1.18
CA VAL A 118 -2.28 2.86 2.44
C VAL A 118 -1.36 2.35 3.54
N ASN A 119 -1.12 3.19 4.56
CA ASN A 119 -0.30 2.80 5.71
C ASN A 119 -0.57 3.82 6.81
N GLN A 120 0.00 3.57 7.99
CA GLN A 120 -0.26 4.40 9.16
C GLN A 120 0.36 5.79 9.08
N GLN A 121 1.22 6.04 8.09
CA GLN A 121 1.91 7.32 7.93
C GLN A 121 1.29 8.20 6.88
N VAL A 122 0.14 7.80 6.34
CA VAL A 122 -0.55 8.67 5.40
C VAL A 122 -0.88 9.99 6.11
N VAL A 123 -0.77 11.11 5.40
CA VAL A 123 -0.87 12.43 6.02
C VAL A 123 -2.32 12.87 6.16
N LEU A 124 -2.69 13.39 7.33
CA LEU A 124 -3.98 14.03 7.53
C LEU A 124 -3.73 15.54 7.60
N PHE A 125 -4.52 16.30 6.89
CA PHE A 125 -4.30 17.73 6.71
C PHE A 125 -5.23 18.52 7.61
N ASN A 126 -4.79 19.71 8.00
CA ASN A 126 -5.60 20.61 8.82
C ASN A 126 -6.59 21.35 7.90
N ARG A 127 -7.53 20.55 7.37
CA ARG A 127 -8.52 20.93 6.38
C ARG A 127 -9.80 20.20 6.75
N THR A 128 -10.90 20.48 6.05
CA THR A 128 -12.13 19.78 6.37
C THR A 128 -11.96 18.26 6.22
N VAL A 129 -12.80 17.52 6.93
CA VAL A 129 -12.90 16.07 6.69
C VAL A 129 -13.15 15.81 5.23
N ARG A 130 -14.06 16.55 4.61
CA ARG A 130 -14.32 16.40 3.17
C ARG A 130 -13.02 16.48 2.37
N GLU A 131 -12.22 17.52 2.58
CA GLU A 131 -10.97 17.72 1.84
CA GLU A 131 -11.01 17.67 1.79
C GLU A 131 -9.95 16.63 2.13
N ASN A 132 -9.99 16.05 3.31
CA ASN A 132 -9.12 14.92 3.64
C ASN A 132 -9.48 13.65 2.88
N ILE A 133 -10.73 13.51 2.46
CA ILE A 133 -11.16 12.36 1.67
C ILE A 133 -11.01 12.66 0.19
N ALA A 134 -11.64 13.72 -0.27
CA ALA A 134 -11.54 14.22 -1.65
C ALA A 134 -10.31 15.11 -1.71
N TYR A 135 -9.15 14.47 -1.65
CA TYR A 135 -7.85 15.13 -1.56
C TYR A 135 -7.15 15.14 -2.93
N GLY A 136 -6.50 16.26 -3.23
CA GLY A 136 -5.55 16.26 -4.33
C GLY A 136 -6.25 16.06 -5.67
N GLN A 137 -5.81 15.04 -6.42
CA GLN A 137 -6.44 14.73 -7.70
C GLN A 137 -7.93 14.41 -7.56
N LEU A 138 -8.40 14.04 -6.37
CA LEU A 138 -9.80 13.70 -6.17
C LEU A 138 -10.58 14.87 -5.56
N HIS A 139 -10.01 16.10 -5.61
CA HIS A 139 -10.62 17.23 -4.93
CA HIS A 139 -10.61 17.27 -4.96
C HIS A 139 -12.00 17.57 -5.47
N ASN A 140 -12.33 17.20 -6.72
CA ASN A 140 -13.63 17.60 -7.27
CA ASN A 140 -13.58 17.54 -7.39
C ASN A 140 -14.56 16.38 -7.40
N ALA A 141 -14.33 15.35 -6.57
CA ALA A 141 -15.20 14.17 -6.55
C ALA A 141 -16.65 14.56 -6.28
N SER A 142 -17.58 13.76 -6.78
CA SER A 142 -18.97 14.00 -6.45
CA SER A 142 -18.97 14.00 -6.46
C SER A 142 -19.22 13.82 -4.96
N ASP A 143 -20.19 14.60 -4.46
CA ASP A 143 -20.53 14.55 -3.03
C ASP A 143 -20.92 13.15 -2.61
N GLU A 144 -21.67 12.44 -3.44
CA GLU A 144 -22.12 11.10 -3.05
C GLU A 144 -20.98 10.10 -3.05
N ASP A 145 -19.95 10.32 -3.88
CA ASP A 145 -18.81 9.39 -3.86
C ASP A 145 -17.97 9.57 -2.60
N VAL A 146 -17.87 10.79 -2.08
CA VAL A 146 -17.20 10.97 -0.80
C VAL A 146 -17.96 10.24 0.32
N ILE A 147 -19.30 10.36 0.34
CA ILE A 147 -20.07 9.64 1.35
CA ILE A 147 -20.10 9.64 1.33
C ILE A 147 -19.90 8.14 1.19
N ALA A 148 -19.94 7.63 -0.05
CA ALA A 148 -19.79 6.19 -0.25
C ALA A 148 -18.42 5.70 0.24
N ALA A 149 -17.36 6.48 -0.03
CA ALA A 149 -16.04 6.11 0.47
C ALA A 149 -15.99 6.14 2.00
N ALA A 150 -16.59 7.16 2.63
CA ALA A 150 -16.59 7.20 4.07
C ALA A 150 -17.38 6.03 4.66
N LYS A 151 -18.49 5.66 4.03
CA LYS A 151 -19.24 4.50 4.54
C LYS A 151 -18.45 3.22 4.39
N ALA A 152 -17.71 3.07 3.26
CA ALA A 152 -16.93 1.85 3.06
C ALA A 152 -15.74 1.79 4.02
N ALA A 153 -15.27 2.94 4.52
CA ALA A 153 -14.24 3.00 5.54
C ALA A 153 -14.81 2.97 6.97
N TYR A 154 -16.13 2.83 7.12
CA TYR A 154 -16.78 2.80 8.43
C TYR A 154 -16.55 4.12 9.17
N ALA A 155 -16.55 5.21 8.43
CA ALA A 155 -16.26 6.54 8.99
C ALA A 155 -17.43 7.49 8.95
N HIS A 156 -18.41 7.25 8.08
CA HIS A 156 -19.49 8.21 7.89
C HIS A 156 -20.23 8.52 9.19
N ASP A 157 -20.58 7.49 9.97
CA ASP A 157 -21.37 7.75 11.16
C ASP A 157 -20.62 8.63 12.16
N PHE A 158 -19.33 8.36 12.41
CA PHE A 158 -18.65 9.21 13.38
C PHE A 158 -18.38 10.60 12.81
N ILE A 159 -18.19 10.72 11.48
CA ILE A 159 -18.04 12.05 10.89
C ILE A 159 -19.29 12.87 11.15
N MET A 160 -20.45 12.25 10.99
N MET A 160 -20.46 12.27 10.99
CA MET A 160 -21.74 12.89 11.24
CA MET A 160 -21.71 12.99 11.25
C MET A 160 -21.90 13.36 12.69
C MET A 160 -22.00 13.26 12.75
N ASN A 161 -21.18 12.77 13.66
CA ASN A 161 -21.25 13.20 15.05
C ASN A 161 -20.21 14.27 15.40
N LEU A 162 -19.36 14.66 14.44
CA LEU A 162 -18.45 15.75 14.68
C LEU A 162 -19.22 17.06 14.70
N PRO A 163 -18.66 18.09 15.35
CA PRO A 163 -19.41 19.35 15.50
C PRO A 163 -19.96 19.91 14.20
N ASN A 164 -19.24 19.79 13.09
CA ASN A 164 -19.69 20.37 11.83
C ASN A 164 -19.71 19.32 10.74
N GLY A 165 -19.84 18.05 11.11
CA GLY A 165 -19.90 16.96 10.13
C GLY A 165 -18.73 16.99 9.16
N TYR A 166 -19.01 16.87 7.85
CA TYR A 166 -17.94 16.86 6.85
C TYR A 166 -17.19 18.18 6.76
N ASP A 167 -17.77 19.26 7.33
CA ASP A 167 -17.13 20.56 7.30
C ASP A 167 -16.18 20.77 8.48
N THR A 168 -16.07 19.77 9.38
CA THR A 168 -15.19 19.89 10.54
C THR A 168 -13.74 19.95 10.06
N VAL A 169 -12.96 20.86 10.62
CA VAL A 169 -11.57 21.06 10.20
C VAL A 169 -10.68 20.30 11.16
N LEU A 170 -9.88 19.37 10.64
CA LEU A 170 -8.94 18.64 11.48
C LEU A 170 -7.82 19.58 11.99
N GLY A 171 -7.23 19.19 13.10
CA GLY A 171 -6.03 19.85 13.58
C GLY A 171 -6.29 20.72 14.78
N ALA A 172 -7.56 20.91 15.10
CA ALA A 172 -7.99 21.69 16.24
C ALA A 172 -8.08 20.81 17.49
N GLN A 173 -8.19 21.45 18.64
CA GLN A 173 -8.44 20.73 19.88
C GLN A 173 -9.94 20.45 20.02
N GLY A 174 -10.26 19.46 20.87
CA GLY A 174 -11.65 19.18 21.20
C GLY A 174 -12.43 18.41 20.16
N LEU A 175 -11.75 17.85 19.14
CA LEU A 175 -12.45 17.09 18.12
C LEU A 175 -12.81 15.69 18.57
N ASN A 176 -12.10 15.16 19.54
CA ASN A 176 -12.41 13.80 20.04
C ASN A 176 -12.23 12.73 18.97
N LEU A 177 -11.26 12.88 18.07
CA LEU A 177 -11.04 11.86 17.06
C LEU A 177 -9.90 10.98 17.53
N SER A 178 -10.20 9.70 17.74
CA SER A 178 -9.18 8.78 18.16
C SER A 178 -8.27 8.45 16.98
N GLY A 179 -7.16 7.76 17.28
CA GLY A 179 -6.29 7.29 16.21
C GLY A 179 -7.00 6.39 15.22
N GLY A 180 -7.90 5.51 15.72
CA GLY A 180 -8.61 4.60 14.84
C GLY A 180 -9.68 5.26 14.00
N GLN A 181 -10.27 6.34 14.51
CA GLN A 181 -11.17 7.18 13.71
C GLN A 181 -10.39 7.95 12.64
N ARG A 182 -9.29 8.59 13.03
CA ARG A 182 -8.44 9.26 12.07
C ARG A 182 -7.97 8.30 10.97
N GLN A 183 -7.62 7.06 11.34
CA GLN A 183 -7.11 6.16 10.32
C GLN A 183 -8.19 5.78 9.33
N ARG A 184 -9.45 5.70 9.80
CA ARG A 184 -10.57 5.45 8.88
C ARG A 184 -10.81 6.61 7.92
N ILE A 185 -10.57 7.86 8.34
CA ILE A 185 -10.66 8.96 7.38
C ILE A 185 -9.62 8.79 6.29
N ALA A 186 -8.40 8.44 6.68
CA ALA A 186 -7.34 8.23 5.69
C ALA A 186 -7.69 7.07 4.75
N ILE A 187 -8.27 5.99 5.31
CA ILE A 187 -8.67 4.86 4.44
C ILE A 187 -9.74 5.32 3.47
N ALA A 188 -10.68 6.18 3.90
CA ALA A 188 -11.70 6.66 2.98
C ALA A 188 -11.06 7.37 1.79
N ARG A 189 -10.00 8.15 2.01
CA ARG A 189 -9.29 8.77 0.90
C ARG A 189 -8.83 7.71 -0.12
N ALA A 190 -8.24 6.61 0.37
CA ALA A 190 -7.78 5.59 -0.57
C ALA A 190 -8.93 4.90 -1.28
N ILE A 191 -10.05 4.68 -0.58
CA ILE A 191 -11.19 4.02 -1.21
C ILE A 191 -11.77 4.88 -2.31
N LEU A 192 -11.87 6.19 -2.05
CA LEU A 192 -12.37 7.10 -3.09
C LEU A 192 -11.49 7.06 -4.34
N LYS A 193 -10.19 6.95 -4.13
CA LYS A 193 -9.25 6.89 -5.25
C LYS A 193 -9.54 5.70 -6.15
N ASN A 194 -10.01 4.58 -5.57
CA ASN A 194 -10.46 3.41 -6.35
C ASN A 194 -9.41 2.96 -7.36
N ALA A 195 -8.18 2.78 -6.88
CA ALA A 195 -7.05 2.55 -7.78
C ALA A 195 -6.97 1.08 -8.20
N PRO A 196 -6.51 0.82 -9.42
CA PRO A 196 -6.33 -0.60 -9.86
C PRO A 196 -5.19 -1.32 -9.18
N ILE A 197 -4.29 -0.60 -8.49
CA ILE A 197 -3.22 -1.23 -7.72
C ILE A 197 -3.26 -0.66 -6.31
N LEU A 198 -3.29 -1.54 -5.32
CA LEU A 198 -3.24 -1.13 -3.91
C LEU A 198 -1.92 -1.59 -3.33
N ILE A 199 -1.20 -0.67 -2.68
CA ILE A 199 -0.02 -1.00 -1.88
C ILE A 199 -0.44 -0.79 -0.45
N LEU A 200 -0.54 -1.87 0.33
CA LEU A 200 -1.12 -1.83 1.67
C LEU A 200 -0.11 -2.30 2.68
N ASP A 201 0.13 -1.48 3.71
CA ASP A 201 0.74 -1.98 4.94
C ASP A 201 -0.41 -2.07 5.93
N GLU A 202 -0.83 -3.29 6.26
CA GLU A 202 -2.09 -3.44 6.98
C GLU A 202 -1.94 -3.25 8.49
N ALA A 203 -0.96 -2.45 8.94
CA ALA A 203 -0.74 -2.24 10.37
C ALA A 203 -1.90 -1.50 11.02
N THR A 204 -2.30 -1.96 12.20
CA THR A 204 -3.31 -1.29 13.02
C THR A 204 -2.82 -1.11 14.44
N SER A 205 -1.51 -0.99 14.58
CA SER A 205 -0.84 -0.72 15.85
CA SER A 205 -0.85 -0.73 15.85
C SER A 205 -1.48 0.43 16.60
N ALA A 206 -1.70 0.22 17.89
CA ALA A 206 -2.09 1.22 18.89
C ALA A 206 -3.50 1.73 18.69
N LEU A 207 -4.33 1.06 17.91
CA LEU A 207 -5.69 1.54 17.72
C LEU A 207 -6.61 0.78 18.68
N ASP A 208 -7.78 1.37 18.96
CA ASP A 208 -8.75 0.71 19.81
C ASP A 208 -9.38 -0.48 19.10
N ASN A 209 -10.03 -1.35 19.89
CA ASN A 209 -10.50 -2.63 19.35
C ASN A 209 -11.54 -2.45 18.23
N GLU A 210 -12.54 -1.59 18.46
CA GLU A 210 -13.60 -1.40 17.47
C GLU A 210 -13.05 -0.83 16.17
N SER A 211 -12.18 0.18 16.26
CA SER A 211 -11.55 0.68 15.04
C SER A 211 -10.79 -0.41 14.32
N GLU A 212 -10.05 -1.24 15.07
CA GLU A 212 -9.31 -2.32 14.44
C GLU A 212 -10.24 -3.28 13.68
N HIS A 213 -11.40 -3.61 14.26
CA HIS A 213 -12.35 -4.50 13.60
C HIS A 213 -12.81 -3.96 12.25
N PHE A 214 -13.28 -2.71 12.24
CA PHE A 214 -13.76 -2.10 11.01
C PHE A 214 -12.65 -1.85 10.00
N ILE A 215 -11.45 -1.48 10.48
CA ILE A 215 -10.33 -1.29 9.56
C ILE A 215 -9.95 -2.61 8.90
N GLN A 216 -9.91 -3.72 9.67
CA GLN A 216 -9.59 -4.99 9.03
C GLN A 216 -10.62 -5.33 7.97
N GLN A 217 -11.89 -5.04 8.25
CA GLN A 217 -12.93 -5.34 7.26
C GLN A 217 -12.75 -4.48 6.03
N ALA A 218 -12.45 -3.19 6.22
CA ALA A 218 -12.22 -2.32 5.07
C ALA A 218 -11.02 -2.77 4.25
N PHE A 219 -9.94 -3.20 4.91
CA PHE A 219 -8.78 -3.70 4.17
C PHE A 219 -9.12 -4.94 3.36
N ASP A 220 -9.86 -5.89 3.95
CA ASP A 220 -10.22 -7.09 3.20
C ASP A 220 -11.10 -6.73 2.01
N GLU A 221 -12.02 -5.78 2.20
CA GLU A 221 -12.89 -5.36 1.11
C GLU A 221 -12.10 -4.64 0.02
N ALA A 222 -11.07 -3.85 0.40
CA ALA A 222 -10.23 -3.14 -0.59
C ALA A 222 -9.38 -4.11 -1.40
N MET A 223 -8.94 -5.22 -0.79
CA MET A 223 -8.09 -6.16 -1.55
C MET A 223 -8.92 -7.01 -2.51
N GLN A 224 -10.24 -7.07 -2.32
CA GLN A 224 -11.06 -8.02 -3.07
C GLN A 224 -10.97 -7.74 -4.57
N ASP A 225 -10.50 -8.73 -5.32
CA ASP A 225 -10.41 -8.66 -6.78
C ASP A 225 -9.57 -7.50 -7.29
N ARG A 226 -8.66 -6.98 -6.49
CA ARG A 226 -7.86 -5.83 -6.87
C ARG A 226 -6.40 -6.24 -6.76
N THR A 227 -5.55 -5.85 -7.71
CA THR A 227 -4.11 -6.11 -7.54
C THR A 227 -3.63 -5.45 -6.26
N THR A 228 -3.00 -6.22 -5.38
CA THR A 228 -2.55 -5.74 -4.07
C THR A 228 -1.17 -6.31 -3.79
N ILE A 229 -0.27 -5.43 -3.34
CA ILE A 229 0.94 -5.88 -2.68
C ILE A 229 0.79 -5.44 -1.24
N VAL A 230 0.73 -6.43 -0.32
CA VAL A 230 0.43 -6.17 1.08
C VAL A 230 1.60 -6.57 1.96
N ILE A 231 2.07 -5.64 2.77
CA ILE A 231 3.00 -5.94 3.86
C ILE A 231 2.11 -6.48 4.99
N ALA A 232 2.08 -7.80 5.11
CA ALA A 232 1.08 -8.49 5.89
C ALA A 232 1.39 -8.47 7.38
N HIS A 233 0.31 -8.45 8.18
CA HIS A 233 0.37 -8.59 9.63
C HIS A 233 -0.63 -9.59 10.15
N ARG A 234 -1.62 -10.01 9.33
CA ARG A 234 -2.66 -10.93 9.77
C ARG A 234 -2.52 -12.27 9.06
N LEU A 235 -2.79 -13.35 9.79
CA LEU A 235 -2.69 -14.68 9.22
C LEU A 235 -3.59 -14.83 7.99
N SER A 236 -4.82 -14.32 8.05
CA SER A 236 -5.73 -14.50 6.92
C SER A 236 -5.19 -13.84 5.65
N THR A 237 -4.55 -12.68 5.78
CA THR A 237 -4.00 -12.00 4.61
C THR A 237 -2.93 -12.87 3.97
N ILE A 238 -2.06 -13.45 4.80
CA ILE A 238 -0.99 -14.31 4.29
C ILE A 238 -1.57 -15.59 3.68
N GLU A 239 -2.41 -16.32 4.45
CA GLU A 239 -2.85 -17.62 3.98
C GLU A 239 -3.70 -17.52 2.72
N ASN A 240 -4.47 -16.44 2.55
CA ASN A 240 -5.35 -16.30 1.41
C ASN A 240 -4.70 -15.61 0.22
N ALA A 241 -3.44 -15.20 0.34
CA ALA A 241 -2.78 -14.47 -0.75
C ALA A 241 -2.63 -15.39 -1.99
N ASP A 242 -2.66 -14.79 -3.17
CA ASP A 242 -2.38 -15.59 -4.36
C ASP A 242 -0.93 -16.07 -4.39
N ARG A 243 -0.03 -15.27 -3.84
CA ARG A 243 1.38 -15.61 -3.71
C ARG A 243 1.89 -14.94 -2.45
N ILE A 244 2.69 -15.69 -1.72
CA ILE A 244 3.41 -15.21 -0.55
C ILE A 244 4.87 -15.13 -0.94
N VAL A 245 5.51 -14.01 -0.64
CA VAL A 245 6.94 -13.85 -0.89
C VAL A 245 7.64 -13.65 0.46
N VAL A 246 8.49 -14.59 0.86
CA VAL A 246 9.28 -14.49 2.09
C VAL A 246 10.61 -13.83 1.72
N MET A 247 10.87 -12.64 2.28
CA MET A 247 12.09 -11.89 2.01
CA MET A 247 12.07 -11.86 2.03
C MET A 247 13.00 -11.92 3.22
N ASP A 248 14.28 -11.95 2.96
CA ASP A 248 15.30 -11.80 3.99
C ASP A 248 16.52 -11.16 3.39
N ARG A 249 16.98 -10.05 4.00
CA ARG A 249 18.20 -9.38 3.55
C ARG A 249 18.19 -9.09 2.05
N GLY A 250 17.03 -8.63 1.56
CA GLY A 250 16.89 -8.16 0.20
C GLY A 250 16.70 -9.26 -0.80
N GLN A 251 16.50 -10.50 -0.36
CA GLN A 251 16.40 -11.63 -1.27
C GLN A 251 15.12 -12.38 -1.01
N ILE A 252 14.56 -12.95 -2.08
CA ILE A 252 13.46 -13.90 -1.91
C ILE A 252 14.04 -15.21 -1.38
N VAL A 253 13.61 -15.61 -0.18
CA VAL A 253 13.97 -16.90 0.40
C VAL A 253 13.11 -18.00 -0.21
N GLU A 254 11.80 -17.76 -0.26
CA GLU A 254 10.87 -18.65 -0.93
C GLU A 254 9.61 -17.90 -1.27
N GLN A 255 8.89 -18.44 -2.24
CA GLN A 255 7.65 -17.85 -2.71
C GLN A 255 6.71 -18.93 -3.21
N GLY A 256 5.42 -18.70 -3.03
CA GLY A 256 4.44 -19.67 -3.49
C GLY A 256 3.14 -19.46 -2.76
N THR A 257 2.17 -20.34 -2.99
CA THR A 257 0.96 -20.29 -2.21
C THR A 257 1.23 -20.80 -0.81
N HIS A 258 0.29 -20.53 0.10
CA HIS A 258 0.39 -21.04 1.46
C HIS A 258 0.56 -22.55 1.45
N GLN A 259 -0.21 -23.25 0.64
CA GLN A 259 -0.12 -24.71 0.57
CA GLN A 259 -0.08 -24.70 0.63
C GLN A 259 1.27 -25.16 0.09
N GLU A 260 1.75 -24.53 -1.00
CA GLU A 260 3.07 -24.89 -1.52
C GLU A 260 4.16 -24.63 -0.51
N LEU A 261 4.08 -23.49 0.19
CA LEU A 261 5.14 -23.15 1.12
C LEU A 261 5.11 -24.04 2.34
N LEU A 262 3.93 -24.37 2.86
CA LEU A 262 3.88 -25.34 3.96
C LEU A 262 4.53 -26.66 3.56
N ALA A 263 4.28 -27.12 2.34
CA ALA A 263 4.77 -28.45 1.95
C ALA A 263 6.30 -28.47 1.89
N LYS A 264 6.92 -27.32 1.62
CA LYS A 264 8.38 -27.24 1.60
C LYS A 264 8.98 -27.52 2.97
N HIS A 265 8.22 -27.27 4.04
CA HIS A 265 8.71 -27.55 5.40
C HIS A 265 10.02 -26.80 5.65
N GLY A 266 10.10 -25.53 5.17
CA GLY A 266 11.30 -24.74 5.27
C GLY A 266 11.08 -23.44 6.03
N ALA A 267 11.53 -22.32 5.44
CA ALA A 267 11.48 -21.02 6.13
C ALA A 267 10.05 -20.59 6.45
N TYR A 268 9.16 -20.64 5.45
CA TYR A 268 7.77 -20.21 5.70
C TYR A 268 7.11 -21.09 6.74
N TYR A 269 7.33 -22.41 6.65
CA TYR A 269 6.76 -23.34 7.61
C TYR A 269 7.18 -22.96 9.03
N GLN A 270 8.48 -22.73 9.22
CA GLN A 270 8.94 -22.37 10.56
C GLN A 270 8.38 -21.02 10.99
N LEU A 271 8.34 -20.05 10.08
CA LEU A 271 7.76 -18.75 10.44
C LEU A 271 6.30 -18.88 10.82
N HIS A 272 5.54 -19.69 10.10
CA HIS A 272 4.12 -19.86 10.38
C HIS A 272 3.93 -20.40 11.80
N GLN A 273 4.79 -21.36 12.21
CA GLN A 273 4.65 -21.93 13.54
C GLN A 273 5.09 -20.96 14.63
N ARG A 274 5.90 -19.96 14.29
CA ARG A 274 6.27 -18.89 15.22
C ARG A 274 5.40 -17.65 15.06
N ASN A 275 4.26 -17.77 14.39
CA ASN A 275 3.34 -16.65 14.17
C ASN A 275 4.04 -15.44 13.55
N PHE A 276 5.01 -15.73 12.68
CA PHE A 276 5.70 -14.71 11.92
C PHE A 276 6.44 -13.74 12.83
N GLU A 277 6.88 -14.20 14.00
CA GLU A 277 7.57 -13.31 14.95
C GLU A 277 8.70 -12.56 14.28
N ASP A 278 8.67 -11.20 14.41
CA ASP A 278 9.65 -10.26 13.88
C ASP A 278 9.71 -10.26 12.35
N HIS A 279 8.72 -10.86 11.68
CA HIS A 279 8.71 -10.94 10.22
C HIS A 279 7.34 -10.48 9.68
#